data_9ETY
#
_entry.id   9ETY
#
_cell.length_a   38.991
_cell.length_b   60.839
_cell.length_c   165.517
_cell.angle_alpha   90.00
_cell.angle_beta   90.00
_cell.angle_gamma   90.00
#
_symmetry.space_group_name_H-M   'P 21 21 21'
#
loop_
_entity.id
_entity.type
_entity.pdbx_description
1 polymer 'Kelch-like ECH-associated protein 1'
2 non-polymer 2-[[5-[(2~{R})-2,4-dimethyl-3-oxidanylidene-piperazin-1-yl]-2,3-dihydro-1,3-thiazol-4-yl]sulfonyl]benzenecarbonitrile
3 non-polymer 1,2-ETHANEDIOL
4 non-polymer 'PHOSPHATE ION'
5 water water
#
_entity_poly.entity_id   1
_entity_poly.type   'polypeptide(L)'
_entity_poly.pdbx_seq_one_letter_code
;MHHHHHHSSGVDLGTENLYFQSMGNRTFSYTLEDHTKQAFGIMNELRLSQQLCDVTLQVKYQDAPAAQFMAHKVVLASSS
PVFKAMFTNGLREQGMEVVSIEGIHPKVMERLIEFAYTASISMGEKCVLHVMNGAVMYQIDSVVRACSDFLVQQLDPSNA
IGIANFAEQIGCVELHQRAREYIYMHFGE
;
_entity_poly.pdbx_strand_id   A,B
#
# COMPACT_ATOMS: atom_id res chain seq x y z
N ASN A 25 31.13 4.87 1.17
CA ASN A 25 31.98 4.99 2.39
C ASN A 25 32.07 6.46 2.84
N ARG A 26 31.70 7.43 1.98
CA ARG A 26 31.22 8.77 2.42
C ARG A 26 29.73 8.92 2.05
N THR A 27 29.00 7.82 2.07
CA THR A 27 27.55 7.77 1.75
C THR A 27 26.80 7.55 3.07
N PHE A 28 25.78 8.36 3.34
CA PHE A 28 24.82 8.06 4.43
C PHE A 28 23.66 7.27 3.81
N SER A 29 23.41 6.06 4.33
CA SER A 29 22.32 5.16 3.87
C SER A 29 21.44 4.83 5.07
N TYR A 30 20.12 4.88 4.86
CA TYR A 30 19.12 4.53 5.88
C TYR A 30 17.94 3.79 5.20
N THR A 31 17.52 2.72 5.86
CA THR A 31 16.31 1.93 5.52
C THR A 31 15.45 1.81 6.79
N LEU A 32 14.20 2.27 6.74
CA LEU A 32 13.18 2.02 7.80
C LEU A 32 12.50 0.69 7.52
N GLU A 33 12.85 -0.34 8.29
CA GLU A 33 12.51 -1.77 8.06
C GLU A 33 11.00 -1.96 7.86
N ASP A 34 10.17 -1.28 8.64
CA ASP A 34 8.70 -1.47 8.67
C ASP A 34 7.98 -0.24 8.09
N HIS A 35 8.67 0.56 7.26
CA HIS A 35 8.08 1.73 6.54
C HIS A 35 6.83 1.30 5.76
N THR A 36 6.91 0.24 4.94
CA THR A 36 5.81 -0.17 4.03
C THR A 36 4.61 -0.58 4.88
N LYS A 37 4.85 -1.22 6.03
CA LYS A 37 3.75 -1.60 6.94
C LYS A 37 3.12 -0.34 7.51
N GLN A 38 3.92 0.59 8.01
CA GLN A 38 3.38 1.82 8.64
C GLN A 38 2.62 2.60 7.57
N ALA A 39 3.18 2.71 6.37
CA ALA A 39 2.59 3.53 5.28
C ALA A 39 1.23 2.92 4.91
N PHE A 40 1.16 1.59 4.81
CA PHE A 40 -0.09 0.84 4.48
C PHE A 40 -1.13 1.13 5.55
N GLY A 41 -0.69 1.24 6.81
CA GLY A 41 -1.59 1.58 7.93
C GLY A 41 -2.29 2.91 7.68
N ILE A 42 -1.53 3.92 7.27
N ILE A 42 -1.54 3.92 7.25
CA ILE A 42 -2.05 5.29 6.99
CA ILE A 42 -2.08 5.28 7.00
C ILE A 42 -2.96 5.25 5.74
C ILE A 42 -2.95 5.27 5.72
N MET A 43 -2.56 4.53 4.68
CA MET A 43 -3.39 4.39 3.46
C MET A 43 -4.71 3.72 3.83
N ASN A 44 -4.68 2.73 4.70
CA ASN A 44 -5.91 2.08 5.19
C ASN A 44 -6.77 3.11 5.94
N GLU A 45 -6.17 3.95 6.79
CA GLU A 45 -6.96 4.99 7.51
C GLU A 45 -7.57 5.93 6.47
N LEU A 46 -6.78 6.36 5.48
CA LEU A 46 -7.31 7.28 4.44
C LEU A 46 -8.48 6.60 3.71
N ARG A 47 -8.39 5.30 3.45
CA ARG A 47 -9.52 4.57 2.82
C ARG A 47 -10.75 4.63 3.74
N LEU A 48 -10.58 4.33 5.02
CA LEU A 48 -11.74 4.20 5.96
C LEU A 48 -12.36 5.58 6.20
N SER A 49 -11.57 6.65 6.05
CA SER A 49 -12.02 8.06 6.16
CA SER A 49 -12.09 8.04 6.18
C SER A 49 -12.51 8.60 4.81
N GLN A 50 -12.45 7.79 3.75
CA GLN A 50 -12.87 8.17 2.38
C GLN A 50 -12.14 9.44 1.97
N GLN A 51 -10.82 9.44 2.11
CA GLN A 51 -9.94 10.56 1.71
C GLN A 51 -9.07 10.06 0.56
N LEU A 52 -8.97 10.87 -0.50
CA LEU A 52 -8.02 10.69 -1.63
C LEU A 52 -8.48 9.53 -2.52
N CYS A 53 -9.67 8.97 -2.30
CA CYS A 53 -10.19 7.82 -3.07
C CYS A 53 -10.56 8.27 -4.48
N ASP A 54 -10.23 7.44 -5.45
CA ASP A 54 -10.46 7.69 -6.91
C ASP A 54 -11.14 6.47 -7.54
N VAL A 55 -11.69 5.57 -6.72
CA VAL A 55 -12.48 4.44 -7.27
C VAL A 55 -13.56 4.08 -6.25
N THR A 56 -14.77 3.89 -6.78
CA THR A 56 -15.99 3.45 -6.04
C THR A 56 -16.34 2.05 -6.52
N LEU A 57 -16.30 1.06 -5.63
CA LEU A 57 -16.71 -0.31 -5.99
C LEU A 57 -18.15 -0.47 -5.50
N GLN A 58 -19.04 -0.76 -6.45
CA GLN A 58 -20.49 -0.92 -6.21
C GLN A 58 -20.76 -2.42 -6.32
N VAL A 59 -21.09 -3.07 -5.20
CA VAL A 59 -21.20 -4.55 -5.11
C VAL A 59 -22.66 -4.95 -4.86
N LYS A 60 -23.25 -5.65 -5.82
CA LYS A 60 -24.67 -6.09 -5.77
C LYS A 60 -24.70 -7.61 -5.80
N TYR A 61 -25.25 -8.21 -4.76
CA TYR A 61 -25.38 -9.68 -4.65
C TYR A 61 -26.86 -10.03 -4.46
N GLN A 62 -27.37 -10.85 -5.38
CA GLN A 62 -28.75 -11.41 -5.34
C GLN A 62 -29.71 -10.29 -4.94
N ASP A 63 -30.38 -10.41 -3.79
CA ASP A 63 -31.38 -9.42 -3.31
C ASP A 63 -30.85 -8.62 -2.12
N ALA A 64 -29.68 -8.97 -1.58
CA ALA A 64 -28.97 -8.17 -0.57
C ALA A 64 -28.87 -6.72 -1.05
N PRO A 65 -28.88 -5.71 -0.16
CA PRO A 65 -28.71 -4.32 -0.59
C PRO A 65 -27.32 -4.10 -1.22
N ALA A 66 -27.24 -3.32 -2.31
CA ALA A 66 -25.96 -2.97 -2.98
C ALA A 66 -25.04 -2.33 -1.93
N ALA A 67 -23.76 -2.69 -1.90
CA ALA A 67 -22.78 -2.11 -0.97
C ALA A 67 -21.81 -1.25 -1.78
N GLN A 68 -21.23 -0.24 -1.16
CA GLN A 68 -20.31 0.69 -1.85
C GLN A 68 -19.00 0.77 -1.06
N PHE A 69 -17.86 0.60 -1.73
CA PHE A 69 -16.52 0.68 -1.11
C PHE A 69 -15.67 1.70 -1.87
N MET A 70 -15.10 2.65 -1.14
CA MET A 70 -14.17 3.67 -1.70
C MET A 70 -12.77 3.08 -1.61
N ALA A 71 -11.89 3.35 -2.57
CA ALA A 71 -10.49 2.89 -2.51
C ALA A 71 -9.59 3.72 -3.42
N HIS A 72 -8.30 3.38 -3.44
CA HIS A 72 -7.25 4.04 -4.26
C HIS A 72 -6.80 3.09 -5.36
N LYS A 73 -6.99 3.52 -6.60
CA LYS A 73 -6.55 2.77 -7.81
C LYS A 73 -5.13 2.23 -7.62
N VAL A 74 -4.22 3.05 -7.10
CA VAL A 74 -2.80 2.63 -7.07
C VAL A 74 -2.64 1.49 -6.06
N VAL A 75 -3.39 1.51 -4.98
CA VAL A 75 -3.33 0.43 -3.97
C VAL A 75 -3.94 -0.86 -4.58
N LEU A 76 -5.12 -0.77 -5.21
CA LEU A 76 -5.75 -1.96 -5.83
C LEU A 76 -4.83 -2.52 -6.91
N ALA A 77 -4.22 -1.66 -7.72
CA ALA A 77 -3.32 -2.08 -8.83
C ALA A 77 -2.10 -2.80 -8.24
N SER A 78 -1.69 -2.41 -7.02
CA SER A 78 -0.45 -2.91 -6.38
C SER A 78 -0.70 -4.31 -5.81
N SER A 79 -1.97 -4.72 -5.70
CA SER A 79 -2.42 -5.97 -5.02
C SER A 79 -3.08 -6.93 -6.03
N SER A 80 -3.49 -6.48 -7.23
CA SER A 80 -4.30 -7.27 -8.19
C SER A 80 -3.91 -6.95 -9.63
N PRO A 81 -3.36 -7.92 -10.39
CA PRO A 81 -3.15 -7.70 -11.83
C PRO A 81 -4.42 -7.27 -12.60
N VAL A 82 -5.58 -7.74 -12.18
CA VAL A 82 -6.87 -7.40 -12.83
C VAL A 82 -7.15 -5.89 -12.64
N PHE A 83 -7.08 -5.39 -11.40
CA PHE A 83 -7.25 -3.94 -11.12
C PHE A 83 -6.16 -3.15 -11.84
N LYS A 84 -4.93 -3.62 -11.82
CA LYS A 84 -3.82 -2.92 -12.49
C LYS A 84 -4.16 -2.73 -13.98
N ALA A 85 -4.55 -3.80 -14.68
CA ALA A 85 -4.91 -3.76 -16.12
C ALA A 85 -6.10 -2.81 -16.37
N MET A 86 -7.17 -2.90 -15.59
CA MET A 86 -8.33 -1.98 -15.72
C MET A 86 -7.82 -0.54 -15.72
N PHE A 87 -7.01 -0.19 -14.73
CA PHE A 87 -6.72 1.22 -14.45
C PHE A 87 -5.57 1.72 -15.34
N THR A 88 -4.66 0.86 -15.80
CA THR A 88 -3.51 1.33 -16.63
C THR A 88 -3.82 1.20 -18.13
N ASN A 89 -4.70 0.28 -18.54
CA ASN A 89 -5.21 0.19 -19.94
C ASN A 89 -5.96 1.48 -20.25
N GLY A 90 -6.48 2.12 -19.18
CA GLY A 90 -7.28 3.35 -19.17
C GLY A 90 -6.56 4.57 -19.73
N LEU A 91 -5.23 4.51 -19.87
CA LEU A 91 -4.46 5.47 -20.70
C LEU A 91 -5.19 6.82 -20.74
N ARG A 92 -5.57 7.35 -19.57
CA ARG A 92 -6.25 8.66 -19.35
C ARG A 92 -6.33 8.94 -17.84
N GLU A 93 -5.95 10.15 -17.37
CA GLU A 93 -6.29 10.67 -16.00
C GLU A 93 -7.72 11.22 -16.05
N GLN A 94 -8.64 10.66 -15.26
CA GLN A 94 -10.08 11.01 -15.30
C GLN A 94 -10.70 11.06 -13.90
N GLY A 95 -9.89 10.95 -12.83
CA GLY A 95 -10.43 10.94 -11.45
C GLY A 95 -11.29 9.69 -11.16
N MET A 96 -12.56 9.88 -10.75
CA MET A 96 -13.36 8.84 -10.06
C MET A 96 -13.78 7.78 -11.07
N GLU A 97 -13.36 6.53 -10.86
CA GLU A 97 -13.87 5.34 -11.60
C GLU A 97 -14.88 4.58 -10.72
N VAL A 98 -15.90 4.03 -11.38
CA VAL A 98 -16.96 3.22 -10.74
C VAL A 98 -16.84 1.81 -11.30
N VAL A 99 -16.66 0.83 -10.44
CA VAL A 99 -16.63 -0.61 -10.82
C VAL A 99 -17.90 -1.25 -10.24
N SER A 100 -18.83 -1.66 -11.11
CA SER A 100 -20.04 -2.41 -10.71
C SER A 100 -19.66 -3.89 -10.70
N ILE A 101 -19.89 -4.55 -9.57
CA ILE A 101 -19.55 -5.99 -9.39
C ILE A 101 -20.87 -6.71 -9.11
N GLU A 102 -21.15 -7.76 -9.89
CA GLU A 102 -22.40 -8.55 -9.78
C GLU A 102 -22.02 -9.98 -9.36
N GLY A 103 -22.78 -10.56 -8.42
CA GLY A 103 -22.70 -11.97 -8.05
C GLY A 103 -21.49 -12.29 -7.19
N ILE A 104 -20.88 -11.28 -6.56
CA ILE A 104 -19.89 -11.48 -5.47
C ILE A 104 -20.51 -10.84 -4.24
N HIS A 105 -20.59 -11.58 -3.14
CA HIS A 105 -21.10 -11.03 -1.86
C HIS A 105 -20.23 -9.84 -1.44
N PRO A 106 -20.83 -8.69 -1.02
CA PRO A 106 -20.08 -7.57 -0.46
C PRO A 106 -19.00 -7.90 0.58
N LYS A 107 -19.26 -8.87 1.44
CA LYS A 107 -18.30 -9.22 2.54
C LYS A 107 -17.05 -9.81 1.89
N VAL A 108 -17.22 -10.52 0.79
CA VAL A 108 -16.07 -11.07 0.04
C VAL A 108 -15.25 -9.87 -0.48
N MET A 109 -15.90 -8.87 -1.06
CA MET A 109 -15.15 -7.71 -1.57
C MET A 109 -14.51 -6.96 -0.39
N GLU A 110 -15.21 -6.80 0.73
CA GLU A 110 -14.63 -6.17 1.95
C GLU A 110 -13.34 -6.92 2.35
N ARG A 111 -13.36 -8.25 2.31
CA ARG A 111 -12.21 -9.08 2.77
C ARG A 111 -11.05 -8.91 1.79
N LEU A 112 -11.32 -8.90 0.49
CA LEU A 112 -10.24 -8.70 -0.51
C LEU A 112 -9.65 -7.28 -0.41
N ILE A 113 -10.47 -6.25 -0.30
CA ILE A 113 -9.96 -4.85 -0.16
C ILE A 113 -9.12 -4.77 1.13
N GLU A 114 -9.61 -5.31 2.24
CA GLU A 114 -8.90 -5.27 3.52
C GLU A 114 -7.57 -6.01 3.37
N PHE A 115 -7.54 -7.11 2.61
CA PHE A 115 -6.27 -7.85 2.29
C PHE A 115 -5.28 -6.93 1.54
N ALA A 116 -5.74 -6.25 0.50
CA ALA A 116 -4.85 -5.34 -0.26
C ALA A 116 -4.28 -4.24 0.67
N TYR A 117 -5.06 -3.76 1.62
CA TYR A 117 -4.69 -2.62 2.50
C TYR A 117 -3.98 -3.05 3.80
N THR A 118 -3.98 -4.35 4.16
CA THR A 118 -3.50 -4.83 5.48
C THR A 118 -2.60 -6.05 5.40
N ALA A 119 -2.61 -6.81 4.30
CA ALA A 119 -1.83 -8.06 4.12
C ALA A 119 -2.51 -9.25 4.82
N SER A 120 -3.65 -9.06 5.47
CA SER A 120 -4.28 -10.12 6.29
C SER A 120 -5.74 -10.32 5.91
N ILE A 121 -6.17 -11.55 6.09
CA ILE A 121 -7.58 -11.97 5.87
C ILE A 121 -7.86 -13.06 6.90
N SER A 122 -9.05 -13.01 7.49
CA SER A 122 -9.47 -13.92 8.58
C SER A 122 -10.98 -14.13 8.44
N MET A 123 -11.44 -15.38 8.50
CA MET A 123 -12.88 -15.72 8.32
C MET A 123 -13.15 -17.16 8.76
N GLY A 124 -14.44 -17.50 8.94
CA GLY A 124 -14.94 -18.86 9.21
C GLY A 124 -14.67 -19.77 8.03
N GLU A 125 -14.52 -21.07 8.26
CA GLU A 125 -14.21 -22.04 7.18
C GLU A 125 -15.30 -22.07 6.10
N LYS A 126 -16.55 -21.74 6.41
CA LYS A 126 -17.65 -21.76 5.39
C LYS A 126 -17.50 -20.57 4.41
N CYS A 127 -16.71 -19.57 4.77
CA CYS A 127 -16.52 -18.35 3.94
C CYS A 127 -15.49 -18.66 2.85
N VAL A 128 -14.67 -19.71 3.01
CA VAL A 128 -13.36 -19.77 2.29
C VAL A 128 -13.60 -19.96 0.79
N LEU A 129 -14.55 -20.81 0.41
CA LEU A 129 -14.82 -21.08 -1.03
C LEU A 129 -15.18 -19.77 -1.72
N HIS A 130 -16.07 -19.01 -1.08
CA HIS A 130 -16.61 -17.72 -1.60
C HIS A 130 -15.46 -16.74 -1.78
N VAL A 131 -14.59 -16.60 -0.77
CA VAL A 131 -13.48 -15.62 -0.80
C VAL A 131 -12.53 -16.04 -1.92
N MET A 132 -12.26 -17.35 -2.01
CA MET A 132 -11.37 -17.93 -3.04
C MET A 132 -11.90 -17.56 -4.43
N ASN A 133 -13.20 -17.62 -4.63
CA ASN A 133 -13.81 -17.26 -5.93
C ASN A 133 -13.45 -15.81 -6.23
N GLY A 134 -13.69 -14.93 -5.26
CA GLY A 134 -13.39 -13.49 -5.41
C GLY A 134 -11.92 -13.28 -5.70
N ALA A 135 -11.06 -14.02 -5.03
CA ALA A 135 -9.60 -13.88 -5.15
C ALA A 135 -9.20 -14.28 -6.56
N VAL A 136 -9.81 -15.33 -7.10
CA VAL A 136 -9.52 -15.82 -8.47
C VAL A 136 -9.98 -14.74 -9.46
N MET A 137 -11.20 -14.23 -9.27
CA MET A 137 -11.75 -13.16 -10.12
C MET A 137 -10.76 -11.99 -10.22
N TYR A 138 -10.06 -11.59 -9.15
CA TYR A 138 -9.16 -10.38 -9.16
C TYR A 138 -7.68 -10.80 -9.17
N GLN A 139 -7.42 -12.09 -9.38
CA GLN A 139 -6.07 -12.71 -9.51
C GLN A 139 -5.18 -12.24 -8.38
N ILE A 140 -5.71 -12.34 -7.18
CA ILE A 140 -4.94 -12.15 -5.93
C ILE A 140 -4.42 -13.54 -5.54
N ASP A 141 -3.34 -13.95 -6.21
CA ASP A 141 -2.94 -15.37 -6.30
C ASP A 141 -2.54 -15.88 -4.92
N SER A 142 -1.95 -15.04 -4.06
CA SER A 142 -1.49 -15.44 -2.70
C SER A 142 -2.74 -15.90 -1.92
N VAL A 143 -3.83 -15.15 -1.99
CA VAL A 143 -5.09 -15.51 -1.28
C VAL A 143 -5.68 -16.79 -1.92
N VAL A 144 -5.67 -16.90 -3.25
CA VAL A 144 -6.20 -18.10 -3.94
C VAL A 144 -5.46 -19.31 -3.35
N ARG A 145 -4.14 -19.23 -3.24
CA ARG A 145 -3.31 -20.39 -2.83
C ARG A 145 -3.58 -20.74 -1.37
N ALA A 146 -3.68 -19.73 -0.50
CA ALA A 146 -3.91 -19.95 0.94
C ALA A 146 -5.28 -20.60 1.13
N CYS A 147 -6.29 -20.12 0.40
CA CYS A 147 -7.66 -20.71 0.37
C CYS A 147 -7.57 -22.17 -0.08
N SER A 148 -6.87 -22.41 -1.19
CA SER A 148 -6.65 -23.75 -1.77
C SER A 148 -6.09 -24.68 -0.70
N ASP A 149 -4.99 -24.26 -0.04
CA ASP A 149 -4.22 -25.11 0.92
C ASP A 149 -5.13 -25.47 2.09
N PHE A 150 -5.88 -24.50 2.58
CA PHE A 150 -6.84 -24.70 3.68
C PHE A 150 -7.87 -25.77 3.29
N LEU A 151 -8.52 -25.59 2.15
CA LEU A 151 -9.60 -26.49 1.66
C LEU A 151 -9.07 -27.91 1.47
N VAL A 152 -7.86 -28.07 0.95
CA VAL A 152 -7.16 -29.38 0.81
C VAL A 152 -7.08 -30.04 2.20
N GLN A 153 -6.67 -29.29 3.23
CA GLN A 153 -6.54 -29.81 4.61
C GLN A 153 -7.91 -30.15 5.18
N GLN A 154 -9.00 -29.52 4.71
CA GLN A 154 -10.37 -29.81 5.22
C GLN A 154 -11.01 -31.01 4.48
N LEU A 155 -10.36 -31.58 3.47
CA LEU A 155 -11.00 -32.62 2.63
C LEU A 155 -11.52 -33.75 3.52
N ASP A 156 -12.76 -34.17 3.32
CA ASP A 156 -13.31 -35.39 3.98
C ASP A 156 -14.33 -36.01 3.05
N PRO A 157 -14.83 -37.22 3.33
CA PRO A 157 -15.79 -37.86 2.43
C PRO A 157 -17.07 -37.02 2.23
N SER A 158 -17.44 -36.24 3.25
CA SER A 158 -18.68 -35.39 3.26
C SER A 158 -18.57 -34.20 2.32
N ASN A 159 -17.36 -33.63 2.17
CA ASN A 159 -17.16 -32.30 1.53
C ASN A 159 -16.39 -32.39 0.20
N ALA A 160 -15.72 -33.50 -0.12
CA ALA A 160 -14.69 -33.57 -1.19
C ALA A 160 -15.34 -33.48 -2.57
N ILE A 161 -16.58 -33.95 -2.71
CA ILE A 161 -17.35 -33.83 -3.98
C ILE A 161 -17.68 -32.35 -4.23
N GLY A 162 -18.19 -31.63 -3.22
CA GLY A 162 -18.45 -30.18 -3.32
C GLY A 162 -17.20 -29.42 -3.71
N ILE A 163 -16.09 -29.72 -3.04
CA ILE A 163 -14.84 -28.95 -3.18
C ILE A 163 -14.33 -29.18 -4.60
N ALA A 164 -14.33 -30.43 -5.07
CA ALA A 164 -13.90 -30.78 -6.44
C ALA A 164 -14.77 -30.02 -7.42
N ASN A 165 -16.07 -30.07 -7.18
CA ASN A 165 -17.08 -29.43 -8.06
C ASN A 165 -16.79 -27.91 -8.15
N PHE A 166 -16.81 -27.21 -7.03
CA PHE A 166 -16.53 -25.75 -6.96
C PHE A 166 -15.19 -25.43 -7.63
N ALA A 167 -14.15 -26.19 -7.29
CA ALA A 167 -12.77 -25.94 -7.76
C ALA A 167 -12.77 -25.98 -9.29
N GLU A 168 -13.52 -26.91 -9.88
CA GLU A 168 -13.70 -27.02 -11.37
C GLU A 168 -14.42 -25.78 -11.89
N GLN A 169 -15.53 -25.38 -11.27
CA GLN A 169 -16.30 -24.16 -11.65
C GLN A 169 -15.37 -22.94 -11.75
N ILE A 170 -14.49 -22.70 -10.77
CA ILE A 170 -13.72 -21.42 -10.70
C ILE A 170 -12.34 -21.61 -11.33
N GLY A 171 -12.02 -22.77 -11.89
CA GLY A 171 -10.81 -22.99 -12.70
C GLY A 171 -9.58 -23.28 -11.86
N CYS A 172 -9.76 -23.64 -10.59
CA CYS A 172 -8.66 -24.00 -9.67
C CYS A 172 -8.26 -25.46 -9.93
N VAL A 173 -7.33 -25.64 -10.88
CA VAL A 173 -6.86 -26.98 -11.33
C VAL A 173 -6.33 -27.74 -10.12
N GLU A 174 -5.45 -27.13 -9.33
CA GLU A 174 -4.71 -27.87 -8.27
C GLU A 174 -5.69 -28.38 -7.20
N LEU A 175 -6.62 -27.53 -6.76
CA LEU A 175 -7.61 -27.90 -5.72
C LEU A 175 -8.51 -28.99 -6.30
N HIS A 176 -8.95 -28.85 -7.55
CA HIS A 176 -9.87 -29.82 -8.20
C HIS A 176 -9.17 -31.18 -8.24
N GLN A 177 -7.89 -31.21 -8.60
CA GLN A 177 -7.07 -32.43 -8.69
C GLN A 177 -6.93 -33.04 -7.29
N ARG A 178 -6.48 -32.26 -6.31
CA ARG A 178 -6.25 -32.82 -4.96
C ARG A 178 -7.56 -33.42 -4.44
N ALA A 179 -8.70 -32.78 -4.71
CA ALA A 179 -10.03 -33.22 -4.25
C ALA A 179 -10.42 -34.50 -5.01
N ARG A 180 -10.19 -34.57 -6.33
CA ARG A 180 -10.46 -35.79 -7.14
C ARG A 180 -9.61 -36.93 -6.58
N GLU A 181 -8.32 -36.69 -6.36
CA GLU A 181 -7.41 -37.76 -5.91
C GLU A 181 -7.91 -38.28 -4.56
N TYR A 182 -8.28 -37.39 -3.64
CA TYR A 182 -8.72 -37.79 -2.29
C TYR A 182 -9.94 -38.74 -2.40
N ILE A 183 -10.89 -38.45 -3.29
CA ILE A 183 -12.09 -39.29 -3.60
C ILE A 183 -11.62 -40.65 -4.13
N TYR A 184 -10.84 -40.67 -5.21
CA TYR A 184 -10.43 -41.92 -5.90
C TYR A 184 -9.63 -42.80 -4.94
N MET A 185 -8.91 -42.21 -3.98
CA MET A 185 -8.12 -42.94 -2.96
C MET A 185 -9.06 -43.90 -2.20
N HIS A 186 -10.30 -43.48 -1.91
CA HIS A 186 -11.32 -44.32 -1.22
C HIS A 186 -11.58 -45.61 -2.00
N PHE A 187 -11.36 -45.59 -3.33
CA PHE A 187 -11.57 -46.74 -4.25
C PHE A 187 -10.24 -47.40 -4.63
N GLY A 188 -9.16 -47.12 -3.90
CA GLY A 188 -7.80 -47.60 -4.25
C GLY A 188 -7.42 -47.24 -5.67
N GLU A 189 -7.85 -46.06 -6.16
CA GLU A 189 -7.50 -45.52 -7.51
C GLU A 189 -6.70 -44.21 -7.36
N HIS B 2 -16.93 10.26 -14.64
CA HIS B 2 -16.99 8.88 -14.06
C HIS B 2 -16.87 7.84 -15.20
N HIS B 3 -15.76 7.08 -15.31
CA HIS B 3 -15.66 5.90 -16.20
C HIS B 3 -16.19 4.65 -15.47
N HIS B 4 -17.05 3.88 -16.14
CA HIS B 4 -17.79 2.74 -15.55
C HIS B 4 -17.18 1.44 -16.05
N HIS B 5 -16.93 0.48 -15.14
CA HIS B 5 -16.54 -0.93 -15.43
C HIS B 5 -17.65 -1.82 -14.89
N HIS B 6 -17.88 -2.97 -15.51
CA HIS B 6 -19.01 -3.90 -15.21
C HIS B 6 -18.42 -5.28 -15.04
N HIS B 7 -18.44 -5.82 -13.81
CA HIS B 7 -17.91 -7.16 -13.47
C HIS B 7 -19.03 -8.06 -13.01
N SER B 8 -18.91 -9.32 -13.39
CA SER B 8 -19.92 -10.37 -13.16
C SER B 8 -19.18 -11.63 -12.73
N SER B 9 -19.60 -12.27 -11.64
CA SER B 9 -19.15 -13.63 -11.24
C SER B 9 -19.92 -14.69 -12.04
N GLY B 10 -19.21 -15.55 -12.77
CA GLY B 10 -19.71 -16.80 -13.36
C GLY B 10 -20.46 -17.67 -12.35
N LEU B 18 -26.44 -29.35 0.36
CA LEU B 18 -26.19 -30.82 0.36
C LEU B 18 -24.67 -31.09 0.32
N TYR B 19 -23.93 -30.34 -0.50
CA TYR B 19 -22.44 -30.44 -0.67
C TYR B 19 -21.72 -30.19 0.67
N PHE B 20 -22.19 -29.23 1.45
CA PHE B 20 -21.56 -28.75 2.71
C PHE B 20 -22.55 -28.95 3.85
N GLN B 21 -23.26 -30.07 3.82
CA GLN B 21 -24.21 -30.54 4.87
C GLN B 21 -23.43 -30.68 6.19
N SER B 22 -22.14 -31.04 6.12
CA SER B 22 -21.20 -31.09 7.27
C SER B 22 -20.00 -30.19 6.97
N MET B 23 -19.93 -29.04 7.66
CA MET B 23 -18.77 -28.10 7.76
C MET B 23 -18.78 -27.48 9.17
N GLY B 24 -17.61 -27.42 9.83
CA GLY B 24 -17.48 -26.87 11.20
C GLY B 24 -17.45 -25.35 11.18
N ASN B 25 -16.69 -24.75 12.10
CA ASN B 25 -16.40 -23.30 12.09
C ASN B 25 -14.96 -23.09 12.60
N ARG B 26 -14.03 -23.91 12.11
CA ARG B 26 -12.57 -23.64 12.18
C ARG B 26 -12.31 -22.25 11.56
N THR B 27 -11.38 -21.48 12.11
CA THR B 27 -11.03 -20.13 11.61
C THR B 27 -9.91 -20.25 10.59
N PHE B 28 -10.09 -19.66 9.42
CA PHE B 28 -9.01 -19.51 8.42
C PHE B 28 -8.42 -18.13 8.65
N SER B 29 -7.11 -18.02 8.82
CA SER B 29 -6.43 -16.71 8.78
C SER B 29 -5.18 -16.82 7.93
N TYR B 30 -4.85 -15.76 7.19
CA TYR B 30 -3.70 -15.71 6.27
C TYR B 30 -3.12 -14.31 6.30
N THR B 31 -1.80 -14.19 6.42
CA THR B 31 -1.07 -12.91 6.31
C THR B 31 0.05 -13.10 5.29
N LEU B 32 0.09 -12.29 4.25
CA LEU B 32 1.23 -12.30 3.31
C LEU B 32 2.32 -11.40 3.91
N GLU B 33 3.38 -12.00 4.43
CA GLU B 33 4.39 -11.31 5.30
C GLU B 33 5.04 -10.14 4.53
N ASP B 34 5.39 -10.33 3.26
CA ASP B 34 6.09 -9.28 2.46
C ASP B 34 5.12 -8.55 1.50
N HIS B 35 3.82 -8.66 1.72
CA HIS B 35 2.79 -7.98 0.87
C HIS B 35 3.09 -6.49 0.72
N THR B 36 3.28 -5.76 1.82
CA THR B 36 3.49 -4.30 1.79
C THR B 36 4.77 -3.98 1.00
N LYS B 37 5.81 -4.79 1.13
CA LYS B 37 7.08 -4.57 0.39
CA LYS B 37 7.09 -4.60 0.39
C LYS B 37 6.84 -4.76 -1.11
N GLN B 38 6.21 -5.87 -1.51
CA GLN B 38 5.92 -6.20 -2.93
C GLN B 38 5.00 -5.10 -3.50
N ALA B 39 3.98 -4.70 -2.74
CA ALA B 39 2.97 -3.73 -3.24
C ALA B 39 3.66 -2.38 -3.49
N PHE B 40 4.50 -1.96 -2.56
CA PHE B 40 5.30 -0.71 -2.70
C PHE B 40 6.19 -0.78 -3.93
N GLY B 41 6.75 -1.97 -4.22
CA GLY B 41 7.55 -2.18 -5.43
C GLY B 41 6.74 -1.87 -6.67
N ILE B 42 5.52 -2.40 -6.75
CA ILE B 42 4.63 -2.13 -7.92
C ILE B 42 4.27 -0.64 -7.92
N MET B 43 3.96 -0.04 -6.77
CA MET B 43 3.55 1.40 -6.76
C MET B 43 4.76 2.27 -7.20
N ASN B 44 5.98 1.84 -6.92
CA ASN B 44 7.19 2.59 -7.35
C ASN B 44 7.34 2.43 -8.87
N GLU B 45 7.11 1.23 -9.41
CA GLU B 45 7.16 1.01 -10.88
C GLU B 45 6.14 1.94 -11.54
N LEU B 46 4.94 2.03 -10.98
CA LEU B 46 3.84 2.86 -11.56
C LEU B 46 4.25 4.32 -11.54
N ARG B 47 4.82 4.81 -10.44
CA ARG B 47 5.38 6.18 -10.39
C ARG B 47 6.40 6.35 -11.52
N LEU B 48 7.35 5.44 -11.64
CA LEU B 48 8.46 5.67 -12.59
C LEU B 48 7.95 5.53 -14.03
N SER B 49 6.86 4.82 -14.29
CA SER B 49 6.29 4.74 -15.65
C SER B 49 5.17 5.77 -15.77
N GLN B 50 5.02 6.64 -14.78
CA GLN B 50 4.05 7.75 -14.77
C GLN B 50 2.62 7.23 -14.93
N GLN B 51 2.25 6.18 -14.21
CA GLN B 51 0.92 5.55 -14.36
C GLN B 51 0.12 5.75 -13.08
N LEU B 52 -1.16 6.14 -13.27
CA LEU B 52 -2.19 6.38 -12.22
C LEU B 52 -1.79 7.58 -11.35
N CYS B 53 -0.79 8.37 -11.74
CA CYS B 53 -0.33 9.53 -10.92
C CYS B 53 -1.43 10.59 -10.96
N ASP B 54 -1.72 11.18 -9.80
CA ASP B 54 -2.75 12.22 -9.64
C ASP B 54 -2.09 13.50 -9.10
N VAL B 55 -0.77 13.55 -8.93
CA VAL B 55 -0.08 14.83 -8.62
C VAL B 55 1.22 14.94 -9.40
N THR B 56 1.54 16.17 -9.80
CA THR B 56 2.83 16.61 -10.35
C THR B 56 3.38 17.71 -9.45
N LEU B 57 4.42 17.43 -8.68
CA LEU B 57 5.11 18.47 -7.88
C LEU B 57 6.05 19.25 -8.82
N GLN B 58 5.78 20.55 -9.01
CA GLN B 58 6.67 21.49 -9.75
C GLN B 58 7.58 22.14 -8.72
N VAL B 59 8.83 21.69 -8.66
CA VAL B 59 9.78 22.11 -7.61
C VAL B 59 10.72 23.17 -8.21
N LYS B 60 10.60 24.39 -7.70
CA LYS B 60 11.47 25.52 -8.12
C LYS B 60 12.23 26.02 -6.89
N TYR B 61 13.55 25.99 -7.02
CA TYR B 61 14.54 26.44 -6.00
C TYR B 61 15.39 27.55 -6.63
N GLN B 62 15.59 28.65 -5.90
CA GLN B 62 16.39 29.83 -6.35
C GLN B 62 17.68 29.32 -7.02
N ASP B 63 17.83 29.58 -8.33
CA ASP B 63 19.08 29.37 -9.12
C ASP B 63 19.26 27.88 -9.43
N ALA B 64 18.15 27.15 -9.59
CA ALA B 64 18.12 25.70 -9.91
C ALA B 64 17.16 25.48 -11.07
N PRO B 65 17.45 24.54 -12.00
CA PRO B 65 16.51 24.19 -13.07
C PRO B 65 15.26 23.56 -12.45
N ALA B 66 14.09 24.00 -12.91
CA ALA B 66 12.76 23.51 -12.46
C ALA B 66 12.71 21.98 -12.65
N ALA B 67 12.25 21.25 -11.64
CA ALA B 67 11.99 19.79 -11.72
C ALA B 67 10.49 19.55 -11.61
N GLN B 68 10.01 18.49 -12.26
CA GLN B 68 8.63 17.98 -12.04
C GLN B 68 8.74 16.56 -11.53
N PHE B 69 7.94 16.21 -10.53
CA PHE B 69 7.90 14.84 -9.94
C PHE B 69 6.45 14.39 -9.91
N MET B 70 6.16 13.32 -10.63
CA MET B 70 4.79 12.77 -10.70
C MET B 70 4.71 11.69 -9.62
N ALA B 71 3.59 11.62 -8.93
CA ALA B 71 3.42 10.67 -7.84
C ALA B 71 1.93 10.47 -7.59
N HIS B 72 1.65 9.66 -6.59
CA HIS B 72 0.32 9.28 -6.09
C HIS B 72 0.14 10.02 -4.76
N LYS B 73 -0.90 10.86 -4.65
CA LYS B 73 -1.20 11.63 -3.43
C LYS B 73 -1.26 10.69 -2.23
N VAL B 74 -1.89 9.52 -2.38
CA VAL B 74 -2.16 8.62 -1.21
C VAL B 74 -0.83 8.05 -0.69
N VAL B 75 0.16 7.85 -1.56
CA VAL B 75 1.49 7.30 -1.16
C VAL B 75 2.28 8.42 -0.45
N LEU B 76 2.26 9.63 -0.99
CA LEU B 76 2.94 10.80 -0.36
C LEU B 76 2.34 11.06 1.01
N ALA B 77 0.99 11.02 1.13
CA ALA B 77 0.28 11.26 2.41
C ALA B 77 0.66 10.18 3.42
N SER B 78 0.94 8.97 2.93
CA SER B 78 1.26 7.79 3.77
C SER B 78 2.62 7.95 4.43
N SER B 79 3.51 8.81 3.91
CA SER B 79 4.90 8.98 4.44
C SER B 79 5.08 10.37 5.06
N SER B 80 4.10 11.28 4.92
CA SER B 80 4.28 12.71 5.25
C SER B 80 2.96 13.32 5.73
N PRO B 81 2.85 13.67 7.02
CA PRO B 81 1.68 14.41 7.52
C PRO B 81 1.41 15.72 6.76
N VAL B 82 2.46 16.36 6.25
CA VAL B 82 2.35 17.63 5.46
C VAL B 82 1.68 17.33 4.11
N PHE B 83 2.14 16.32 3.40
CA PHE B 83 1.49 15.92 2.13
C PHE B 83 0.06 15.47 2.44
N LYS B 84 -0.15 14.84 3.59
CA LYS B 84 -1.50 14.36 4.00
C LYS B 84 -2.47 15.53 4.14
N ALA B 85 -2.11 16.56 4.92
CA ALA B 85 -2.91 17.79 5.11
C ALA B 85 -3.11 18.44 3.74
N MET B 86 -2.05 18.69 3.00
CA MET B 86 -2.16 19.36 1.67
C MET B 86 -3.16 18.63 0.74
N PHE B 87 -3.13 17.29 0.62
CA PHE B 87 -3.98 16.59 -0.37
C PHE B 87 -5.42 16.40 0.15
N THR B 88 -5.62 16.20 1.46
CA THR B 88 -6.98 15.96 2.01
C THR B 88 -7.75 17.29 2.13
N ASN B 89 -7.07 18.45 2.08
CA ASN B 89 -7.71 19.79 2.02
C ASN B 89 -7.96 20.19 0.55
N GLY B 90 -7.46 19.41 -0.41
CA GLY B 90 -7.74 19.59 -1.85
C GLY B 90 -9.16 19.16 -2.21
N LEU B 91 -9.74 19.76 -3.25
CA LEU B 91 -11.08 19.37 -3.75
C LEU B 91 -11.06 17.90 -4.16
N ARG B 92 -12.19 17.21 -4.00
CA ARG B 92 -12.31 15.78 -4.42
C ARG B 92 -12.34 15.74 -5.95
N GLU B 93 -11.95 14.62 -6.56
CA GLU B 93 -12.11 14.41 -8.03
C GLU B 93 -11.51 15.63 -8.74
N GLN B 94 -10.20 15.61 -8.92
CA GLN B 94 -9.45 16.69 -9.60
C GLN B 94 -8.70 16.12 -10.82
N GLY B 95 -8.55 14.80 -10.90
CA GLY B 95 -7.60 14.14 -11.81
C GLY B 95 -6.18 14.62 -11.51
N MET B 96 -5.38 14.92 -12.53
CA MET B 96 -4.01 15.44 -12.32
C MET B 96 -4.07 16.84 -11.74
N GLU B 97 -3.41 17.07 -10.61
CA GLU B 97 -3.20 18.40 -9.98
C GLU B 97 -1.71 18.74 -10.10
N VAL B 98 -1.42 19.94 -10.57
CA VAL B 98 -0.04 20.50 -10.57
C VAL B 98 0.12 21.31 -9.29
N VAL B 99 1.10 20.95 -8.45
CA VAL B 99 1.38 21.59 -7.14
C VAL B 99 2.76 22.25 -7.22
N SER B 100 2.77 23.58 -7.14
CA SER B 100 4.02 24.39 -7.07
C SER B 100 4.66 24.21 -5.68
N ILE B 101 5.95 23.92 -5.64
CA ILE B 101 6.77 23.75 -4.41
C ILE B 101 7.96 24.73 -4.48
N GLU B 102 8.24 25.39 -3.36
CA GLU B 102 9.38 26.30 -3.14
C GLU B 102 9.97 26.00 -1.76
N GLY B 103 11.22 26.38 -1.55
CA GLY B 103 11.91 26.25 -0.25
C GLY B 103 12.61 24.92 -0.14
N ILE B 104 12.72 24.16 -1.24
CA ILE B 104 13.38 22.83 -1.23
C ILE B 104 13.95 22.54 -2.63
N HIS B 105 15.21 22.14 -2.67
CA HIS B 105 15.97 21.80 -3.91
C HIS B 105 15.43 20.51 -4.51
N PRO B 106 15.16 20.46 -5.84
CA PRO B 106 14.67 19.24 -6.49
C PRO B 106 15.36 17.93 -6.08
N LYS B 107 16.68 17.93 -5.82
CA LYS B 107 17.43 16.67 -5.58
C LYS B 107 17.09 16.18 -4.17
N VAL B 108 16.73 17.09 -3.29
CA VAL B 108 16.31 16.76 -1.91
C VAL B 108 14.91 16.16 -1.99
N MET B 109 13.95 16.86 -2.61
CA MET B 109 12.55 16.35 -2.76
C MET B 109 12.58 14.98 -3.48
N GLU B 110 13.44 14.79 -4.48
CA GLU B 110 13.57 13.51 -5.22
C GLU B 110 13.97 12.40 -4.25
N ARG B 111 14.88 12.66 -3.32
CA ARG B 111 15.32 11.66 -2.32
C ARG B 111 14.17 11.39 -1.35
N LEU B 112 13.39 12.40 -0.98
CA LEU B 112 12.25 12.21 -0.02
C LEU B 112 11.14 11.39 -0.69
N ILE B 113 10.88 11.62 -1.98
CA ILE B 113 9.84 10.84 -2.74
C ILE B 113 10.30 9.39 -2.87
N GLU B 114 11.57 9.17 -3.16
CA GLU B 114 12.15 7.81 -3.27
C GLU B 114 12.01 7.08 -1.95
N PHE B 115 12.23 7.78 -0.83
CA PHE B 115 12.10 7.17 0.52
C PHE B 115 10.64 6.77 0.75
N ALA B 116 9.69 7.65 0.47
CA ALA B 116 8.25 7.34 0.60
C ALA B 116 7.93 6.09 -0.21
N TYR B 117 8.53 5.93 -1.39
CA TYR B 117 8.18 4.80 -2.29
C TYR B 117 9.04 3.55 -2.04
N THR B 118 10.20 3.62 -1.39
CA THR B 118 11.14 2.47 -1.31
C THR B 118 11.53 2.14 0.13
N ALA B 119 11.29 3.04 1.10
CA ALA B 119 11.70 2.91 2.50
C ALA B 119 13.21 3.13 2.67
N SER B 120 13.93 3.52 1.62
CA SER B 120 15.37 3.75 1.69
C SER B 120 15.72 5.15 1.15
N ILE B 121 16.82 5.67 1.68
CA ILE B 121 17.46 6.93 1.26
C ILE B 121 18.99 6.75 1.36
N SER B 122 19.71 7.26 0.39
CA SER B 122 21.17 7.43 0.53
C SER B 122 21.60 8.69 -0.20
N MET B 123 22.61 9.32 0.37
CA MET B 123 23.12 10.63 -0.05
C MET B 123 24.59 10.71 0.41
N GLY B 124 25.37 11.54 -0.25
CA GLY B 124 26.69 11.92 0.27
C GLY B 124 26.54 12.49 1.68
N GLU B 125 27.48 12.17 2.57
CA GLU B 125 27.59 12.75 3.94
C GLU B 125 27.34 14.27 3.92
N LYS B 126 27.93 14.98 2.95
CA LYS B 126 27.82 16.44 2.75
C LYS B 126 26.39 16.90 2.45
N CYS B 127 25.44 16.01 2.17
CA CYS B 127 24.03 16.40 1.84
C CYS B 127 23.13 16.34 3.07
N VAL B 128 23.60 15.74 4.16
CA VAL B 128 22.76 15.30 5.32
C VAL B 128 22.02 16.51 5.90
N LEU B 129 22.66 17.68 5.92
CA LEU B 129 22.04 18.87 6.52
C LEU B 129 20.79 19.24 5.71
N HIS B 130 20.97 19.34 4.39
CA HIS B 130 19.92 19.75 3.42
C HIS B 130 18.76 18.75 3.44
N VAL B 131 19.08 17.46 3.54
CA VAL B 131 18.10 16.37 3.43
C VAL B 131 17.33 16.33 4.74
N MET B 132 18.02 16.53 5.86
CA MET B 132 17.35 16.65 7.18
C MET B 132 16.36 17.82 7.14
N ASN B 133 16.82 18.96 6.65
CA ASN B 133 15.96 20.17 6.61
C ASN B 133 14.66 19.85 5.83
N GLY B 134 14.77 19.27 4.62
CA GLY B 134 13.64 18.81 3.79
C GLY B 134 12.74 17.86 4.55
N ALA B 135 13.30 16.83 5.18
CA ALA B 135 12.57 15.83 5.99
C ALA B 135 11.78 16.54 7.09
N VAL B 136 12.34 17.60 7.68
CA VAL B 136 11.65 18.35 8.75
C VAL B 136 10.48 19.10 8.12
N MET B 137 10.70 19.74 6.99
CA MET B 137 9.66 20.54 6.30
C MET B 137 8.48 19.63 5.92
N TYR B 138 8.71 18.34 5.59
CA TYR B 138 7.61 17.43 5.18
C TYR B 138 7.24 16.46 6.30
N GLN B 139 7.82 16.67 7.49
CA GLN B 139 7.56 15.89 8.73
C GLN B 139 7.69 14.39 8.43
N ILE B 140 8.71 14.00 7.65
CA ILE B 140 9.08 12.58 7.43
C ILE B 140 10.01 12.19 8.58
N ASP B 141 9.42 11.89 9.74
CA ASP B 141 10.11 11.94 11.04
C ASP B 141 11.15 10.82 11.11
N SER B 142 10.98 9.74 10.36
CA SER B 142 11.92 8.60 10.44
C SER B 142 13.27 9.01 9.80
N VAL B 143 13.24 9.78 8.72
CA VAL B 143 14.44 10.37 8.06
C VAL B 143 15.04 11.49 8.95
N VAL B 144 14.20 12.34 9.53
CA VAL B 144 14.68 13.39 10.49
C VAL B 144 15.52 12.67 11.55
N ARG B 145 14.98 11.59 12.10
CA ARG B 145 15.56 10.84 13.24
C ARG B 145 16.88 10.19 12.82
N ALA B 146 16.92 9.59 11.64
CA ALA B 146 18.13 8.94 11.10
C ALA B 146 19.25 9.99 10.87
N CYS B 147 18.92 11.13 10.27
CA CYS B 147 19.88 12.23 10.03
C CYS B 147 20.36 12.77 11.39
N SER B 148 19.46 12.79 12.36
CA SER B 148 19.70 13.25 13.73
C SER B 148 20.76 12.36 14.39
N ASP B 149 20.57 11.04 14.36
CA ASP B 149 21.48 10.08 15.02
C ASP B 149 22.86 10.17 14.38
N PHE B 150 22.93 10.45 13.08
CA PHE B 150 24.21 10.56 12.33
C PHE B 150 24.94 11.82 12.81
N LEU B 151 24.20 12.92 12.99
CA LEU B 151 24.81 14.21 13.46
C LEU B 151 25.21 14.09 14.93
N VAL B 152 24.38 13.46 15.77
CA VAL B 152 24.76 13.21 17.21
C VAL B 152 26.08 12.45 17.22
N GLN B 153 26.21 11.48 16.33
CA GLN B 153 27.40 10.61 16.22
C GLN B 153 28.63 11.46 15.82
N GLN B 154 28.50 12.56 15.07
CA GLN B 154 29.64 13.44 14.65
C GLN B 154 29.98 14.46 15.75
N LEU B 155 29.29 14.46 16.90
CA LEU B 155 29.45 15.54 17.92
C LEU B 155 30.88 15.53 18.47
N ASP B 156 31.60 16.65 18.34
CA ASP B 156 32.88 16.90 19.04
C ASP B 156 32.89 18.34 19.53
N PRO B 157 33.89 18.76 20.35
CA PRO B 157 33.89 20.12 20.90
C PRO B 157 33.98 21.25 19.86
N SER B 158 34.58 20.98 18.70
CA SER B 158 34.78 21.95 17.59
C SER B 158 33.46 22.22 16.85
N ASN B 159 32.46 21.33 16.95
CA ASN B 159 31.26 21.38 16.07
C ASN B 159 29.94 21.44 16.85
N ALA B 160 29.96 21.13 18.15
CA ALA B 160 28.73 20.94 18.97
C ALA B 160 27.84 22.19 18.91
N ILE B 161 28.46 23.37 18.99
CA ILE B 161 27.70 24.66 19.03
C ILE B 161 26.94 24.81 17.71
N GLY B 162 27.65 24.69 16.59
CA GLY B 162 27.08 24.73 15.21
C GLY B 162 25.94 23.73 15.03
N ILE B 163 26.07 22.52 15.56
CA ILE B 163 25.01 21.48 15.42
C ILE B 163 23.78 21.88 16.24
N ALA B 164 23.97 22.38 17.47
CA ALA B 164 22.86 22.88 18.33
C ALA B 164 22.12 24.03 17.63
N ASN B 165 22.85 24.96 17.02
CA ASN B 165 22.26 26.14 16.32
C ASN B 165 21.48 25.65 15.09
N PHE B 166 22.12 24.86 14.22
CA PHE B 166 21.48 24.23 13.04
C PHE B 166 20.19 23.54 13.48
N ALA B 167 20.24 22.75 14.56
CA ALA B 167 19.07 22.06 15.12
C ALA B 167 17.96 23.08 15.41
N GLU B 168 18.29 24.12 16.17
CA GLU B 168 17.32 25.16 16.58
C GLU B 168 16.74 25.83 15.33
N GLN B 169 17.58 26.16 14.35
CA GLN B 169 17.21 26.91 13.13
C GLN B 169 16.24 26.14 12.22
N ILE B 170 16.36 24.80 12.13
CA ILE B 170 15.46 23.90 11.34
C ILE B 170 14.41 23.30 12.26
N GLY B 171 14.47 23.59 13.56
CA GLY B 171 13.43 23.19 14.51
C GLY B 171 13.40 21.69 14.65
N CYS B 172 14.41 21.13 15.32
CA CYS B 172 14.53 19.69 15.63
C CYS B 172 14.96 19.55 17.09
N VAL B 173 14.03 19.15 17.94
CA VAL B 173 14.12 19.27 19.42
C VAL B 173 15.12 18.25 19.97
N GLU B 174 15.12 17.01 19.44
CA GLU B 174 16.00 15.92 19.93
C GLU B 174 17.47 16.27 19.62
N LEU B 175 17.77 16.78 18.42
CA LEU B 175 19.18 17.04 18.00
C LEU B 175 19.70 18.26 18.75
N HIS B 176 18.86 19.29 18.92
CA HIS B 176 19.15 20.47 19.77
C HIS B 176 19.53 19.98 21.17
N GLN B 177 18.61 19.25 21.82
CA GLN B 177 18.76 18.79 23.22
C GLN B 177 20.01 17.91 23.36
N ARG B 178 20.27 17.01 22.42
CA ARG B 178 21.44 16.09 22.53
C ARG B 178 22.74 16.89 22.33
N ALA B 179 22.75 17.89 21.44
CA ALA B 179 23.92 18.79 21.22
C ALA B 179 24.16 19.61 22.49
N ARG B 180 23.09 20.10 23.15
CA ARG B 180 23.21 20.91 24.39
C ARG B 180 23.77 20.01 25.50
N GLU B 181 23.19 18.82 25.67
CA GLU B 181 23.60 17.84 26.71
C GLU B 181 25.08 17.52 26.52
N TYR B 182 25.53 17.38 25.27
CA TYR B 182 26.94 17.06 24.93
C TYR B 182 27.83 18.24 25.35
N ILE B 183 27.39 19.48 25.15
CA ILE B 183 28.21 20.68 25.53
C ILE B 183 28.29 20.74 27.05
N TYR B 184 27.17 20.59 27.76
CA TYR B 184 27.06 20.74 29.24
C TYR B 184 28.17 19.90 29.91
N MET B 185 28.30 18.64 29.50
CA MET B 185 29.32 17.67 30.01
C MET B 185 30.72 18.30 30.07
N HIS B 186 30.92 19.50 29.49
CA HIS B 186 32.20 20.26 29.50
C HIS B 186 31.97 21.66 30.12
#